data_2DT1
#
_entry.id   2DT1
#
_cell.length_a   62.720
_cell.length_b   66.520
_cell.length_c   107.643
_cell.angle_alpha   90.00
_cell.angle_beta   90.00
_cell.angle_gamma   90.00
#
_symmetry.space_group_name_H-M   'P 21 21 21'
#
loop_
_entity.id
_entity.type
_entity.pdbx_description
1 polymer 'Chitinase-3-like protein 1'
2 branched beta-D-mannopyranose-(1-4)-2-acetamido-2-deoxy-alpha-D-glucopyranose-(1-4)-2-acetamido-2-deoxy-beta-D-glucopyranose
3 branched 2-acetamido-2-deoxy-beta-D-glucopyranose-(1-4)-2-acetamido-2-deoxy-beta-D-glucopyranose-(1-4)-2-acetamido-2-deoxy-beta-D-glucopyranose-(1-4)-2-acetamido-2-deoxy-beta-D-glucopyranose
4 water water
#
_entity_poly.entity_id   1
_entity_poly.type   'polypeptide(L)'
_entity_poly.pdbx_seq_one_letter_code
;YKLICYYTSWSQYREGDGSCFPDAIDPFLCTHVIYSFANISNNEIDTWEWNDVTLYDTLNTLKNRNPKLKTLLSVGGWNF
GPERFSKIASKTQSRRTFIKSVPPFLRTHGFDGLDLAWLYPGRRDKRHLTALVKEMKAEFAREAQAGTERLLLSAAVSAG
KIAIDRGYDIAQISRHLDFISLLTYDFHGAWRQTVGHHSPLFRGNSDASSRFSNADYAVSYMLRLGAPANKLVMGIPTFG
RSFTLASSKTDVGAPISGPGIPGRFTKEKGILAYYEICDFLHGATTHRFRDQQVPYATKGNQWVAYDDQESVKNKARYLK
NRQLAGAMVWALDLDDFRGTFCGQNLTFPLTSAVKDVLARV
;
_entity_poly.pdbx_strand_id   A
#
# COMPACT_ATOMS: atom_id res chain seq x y z
N TYR A 1 -4.66 17.77 1.02
CA TYR A 1 -4.75 16.29 0.86
C TYR A 1 -3.47 15.60 1.32
N LYS A 2 -3.58 14.33 1.70
CA LYS A 2 -2.40 13.60 2.14
C LYS A 2 -1.94 12.70 1.00
N LEU A 3 -0.63 12.50 0.90
CA LEU A 3 -0.08 11.63 -0.13
C LEU A 3 0.84 10.72 0.67
N ILE A 4 0.33 9.53 1.01
CA ILE A 4 1.05 8.56 1.81
C ILE A 4 1.85 7.61 0.92
N CYS A 5 3.17 7.58 1.10
CA CYS A 5 3.99 6.71 0.26
C CYS A 5 4.82 5.68 1.01
N TYR A 6 4.73 4.42 0.59
CA TYR A 6 5.50 3.36 1.22
C TYR A 6 6.83 3.17 0.53
N TYR A 7 7.84 2.82 1.33
CA TYR A 7 9.17 2.52 0.83
C TYR A 7 9.47 1.16 1.45
N THR A 8 9.89 0.19 0.65
CA THR A 8 10.16 -1.14 1.19
C THR A 8 11.65 -1.42 1.38
N SER A 9 11.96 -1.99 2.54
CA SER A 9 13.33 -2.33 2.94
C SER A 9 14.12 -3.24 2.02
N TRP A 10 13.45 -4.23 1.47
CA TRP A 10 14.12 -5.19 0.59
C TRP A 10 14.46 -4.67 -0.81
N SER A 11 14.01 -3.47 -1.16
CA SER A 11 14.30 -2.93 -2.49
C SER A 11 15.78 -2.57 -2.65
N GLN A 12 16.47 -2.43 -1.54
CA GLN A 12 17.89 -2.09 -1.58
C GLN A 12 18.72 -3.18 -2.24
N TYR A 13 18.22 -4.42 -2.19
CA TYR A 13 18.95 -5.57 -2.74
C TYR A 13 18.80 -5.87 -4.23
N ARG A 14 17.92 -5.14 -4.92
CA ARG A 14 17.72 -5.38 -6.34
C ARG A 14 18.96 -4.99 -7.12
N GLU A 15 19.31 -5.78 -8.14
CA GLU A 15 20.52 -5.49 -8.89
C GLU A 15 20.46 -4.27 -9.81
N GLY A 16 21.62 -3.65 -9.98
CA GLY A 16 21.74 -2.48 -10.83
C GLY A 16 20.84 -1.31 -10.49
N ASP A 17 20.24 -0.74 -11.52
CA ASP A 17 19.36 0.42 -11.39
C ASP A 17 18.14 0.13 -10.51
N GLY A 18 17.78 -1.15 -10.38
CA GLY A 18 16.63 -1.49 -9.56
C GLY A 18 16.85 -1.20 -8.09
N SER A 19 18.12 -1.19 -7.66
CA SER A 19 18.45 -0.93 -6.27
C SER A 19 17.94 0.44 -5.85
N CYS A 20 17.19 0.49 -4.76
CA CYS A 20 16.64 1.75 -4.27
C CYS A 20 16.89 1.96 -2.77
N PHE A 21 17.50 3.10 -2.44
CA PHE A 21 17.76 3.44 -1.04
C PHE A 21 16.94 4.69 -0.72
N PRO A 22 16.69 4.95 0.58
CA PRO A 22 15.91 6.11 1.00
C PRO A 22 16.32 7.47 0.43
N ASP A 23 17.60 7.65 0.14
CA ASP A 23 18.04 8.94 -0.38
C ASP A 23 17.63 9.21 -1.84
N ALA A 24 16.99 8.23 -2.48
CA ALA A 24 16.54 8.41 -3.85
C ALA A 24 15.16 9.08 -3.83
N ILE A 25 14.58 9.15 -2.64
CA ILE A 25 13.25 9.74 -2.45
C ILE A 25 13.24 11.26 -2.44
N ASP A 26 12.38 11.85 -3.28
CA ASP A 26 12.24 13.31 -3.35
C ASP A 26 11.54 13.73 -2.05
N PRO A 27 12.20 14.57 -1.22
CA PRO A 27 11.64 15.05 0.05
C PRO A 27 10.29 15.76 -0.04
N PHE A 28 10.03 16.40 -1.18
CA PHE A 28 8.79 17.15 -1.37
C PHE A 28 7.68 16.41 -2.13
N LEU A 29 7.94 15.18 -2.53
CA LEU A 29 6.96 14.42 -3.28
C LEU A 29 5.72 14.03 -2.46
N CYS A 30 5.93 13.32 -1.36
CA CYS A 30 4.84 12.85 -0.50
C CYS A 30 4.72 13.68 0.79
N THR A 31 3.58 13.55 1.47
CA THR A 31 3.39 14.25 2.74
C THR A 31 3.84 13.31 3.87
N HIS A 32 3.69 12.01 3.64
CA HIS A 32 4.07 10.99 4.62
C HIS A 32 4.78 9.83 3.93
N VAL A 33 5.90 9.39 4.51
CA VAL A 33 6.61 8.24 3.93
C VAL A 33 6.65 7.16 5.00
N ILE A 34 6.23 5.95 4.62
CA ILE A 34 6.19 4.84 5.55
C ILE A 34 7.22 3.78 5.20
N TYR A 35 8.06 3.44 6.18
CA TYR A 35 9.11 2.44 6.01
C TYR A 35 8.49 1.07 6.35
N SER A 36 8.64 0.11 5.44
CA SER A 36 8.11 -1.25 5.61
C SER A 36 9.26 -2.26 5.55
N PHE A 37 9.35 -3.20 6.49
CA PHE A 37 8.43 -3.37 7.61
C PHE A 37 9.27 -3.62 8.86
N ALA A 38 8.69 -3.37 10.02
CA ALA A 38 9.36 -3.62 11.29
C ALA A 38 8.88 -5.01 11.70
N ASN A 39 9.63 -5.65 12.58
CA ASN A 39 9.29 -6.99 13.04
C ASN A 39 8.94 -6.90 14.51
N ILE A 40 8.56 -8.04 15.11
CA ILE A 40 8.24 -8.08 16.52
C ILE A 40 9.00 -9.29 17.08
N SER A 41 9.86 -9.03 18.06
CA SER A 41 10.65 -10.08 18.70
C SER A 41 10.46 -9.94 20.20
N ASN A 42 10.22 -11.06 20.87
CA ASN A 42 9.99 -11.06 22.31
C ASN A 42 8.90 -10.05 22.65
N ASN A 43 7.88 -10.01 21.81
CA ASN A 43 6.74 -9.11 21.99
C ASN A 43 7.09 -7.62 21.99
N GLU A 44 8.18 -7.28 21.33
CA GLU A 44 8.60 -5.89 21.23
C GLU A 44 8.90 -5.56 19.79
N ILE A 45 8.60 -4.33 19.39
CA ILE A 45 8.87 -3.92 18.02
C ILE A 45 10.37 -4.00 17.85
N ASP A 46 10.83 -4.33 16.65
CA ASP A 46 12.25 -4.48 16.45
C ASP A 46 12.59 -4.33 14.97
N THR A 47 13.88 -4.21 14.67
CA THR A 47 14.33 -4.06 13.30
C THR A 47 14.14 -5.36 12.53
N TRP A 48 14.25 -5.28 11.20
CA TRP A 48 14.09 -6.44 10.34
C TRP A 48 15.40 -6.70 9.58
N GLU A 49 15.79 -5.73 8.75
CA GLU A 49 17.02 -5.86 7.98
C GLU A 49 18.23 -5.51 8.86
N TRP A 50 19.38 -6.11 8.55
CA TRP A 50 20.60 -5.88 9.31
C TRP A 50 21.02 -4.41 9.34
N ASN A 51 20.73 -3.68 8.27
CA ASN A 51 21.12 -2.27 8.21
C ASN A 51 19.97 -1.28 8.41
N ASP A 52 18.85 -1.74 8.97
CA ASP A 52 17.68 -0.87 9.21
C ASP A 52 18.00 0.42 9.96
N VAL A 53 18.76 0.33 11.05
CA VAL A 53 19.07 1.54 11.81
C VAL A 53 19.75 2.59 10.92
N THR A 54 20.55 2.14 9.97
CA THR A 54 21.22 3.07 9.06
C THR A 54 20.23 3.63 8.04
N LEU A 55 19.35 2.79 7.51
CA LEU A 55 18.36 3.26 6.55
C LEU A 55 17.31 4.14 7.22
N TYR A 56 16.99 3.84 8.48
CA TYR A 56 16.04 4.67 9.24
C TYR A 56 16.62 6.08 9.25
N ASP A 57 17.91 6.15 9.58
CA ASP A 57 18.63 7.41 9.65
C ASP A 57 18.62 8.15 8.32
N THR A 58 18.86 7.43 7.23
CA THR A 58 18.88 8.02 5.90
C THR A 58 17.51 8.60 5.53
N LEU A 59 16.45 7.84 5.81
CA LEU A 59 15.08 8.26 5.52
C LEU A 59 14.71 9.53 6.29
N ASN A 60 14.92 9.49 7.59
CA ASN A 60 14.57 10.61 8.44
C ASN A 60 15.41 11.87 8.20
N THR A 61 16.51 11.76 7.47
CA THR A 61 17.31 12.95 7.18
C THR A 61 16.62 13.81 6.13
N LEU A 62 15.68 13.21 5.38
CA LEU A 62 14.94 13.93 4.35
C LEU A 62 14.16 15.06 4.99
N LYS A 63 13.88 14.92 6.29
CA LYS A 63 13.15 15.92 7.03
C LYS A 63 13.96 17.18 7.26
N ASN A 64 15.26 17.11 7.01
CA ASN A 64 16.09 18.30 7.17
C ASN A 64 15.96 19.14 5.89
N ARG A 65 15.42 18.53 4.85
CA ARG A 65 15.21 19.23 3.59
C ARG A 65 13.76 19.70 3.55
N ASN A 66 12.84 18.85 3.99
CA ASN A 66 11.42 19.20 4.03
C ASN A 66 10.92 18.99 5.46
N PRO A 67 10.90 20.07 6.25
CA PRO A 67 10.46 20.07 7.65
C PRO A 67 9.02 19.61 7.90
N LYS A 68 8.16 19.73 6.88
CA LYS A 68 6.77 19.31 7.03
C LYS A 68 6.58 17.81 6.79
N LEU A 69 7.59 17.15 6.25
CA LEU A 69 7.52 15.72 5.97
C LEU A 69 7.39 14.85 7.24
N LYS A 70 6.48 13.88 7.22
CA LYS A 70 6.28 12.98 8.36
C LYS A 70 6.65 11.56 7.95
N THR A 71 7.24 10.81 8.88
CA THR A 71 7.61 9.43 8.58
C THR A 71 6.98 8.48 9.58
N LEU A 72 6.62 7.29 9.12
CA LEU A 72 6.04 6.28 9.99
C LEU A 72 6.75 4.98 9.73
N LEU A 73 6.66 4.07 10.70
CA LEU A 73 7.29 2.77 10.57
C LEU A 73 6.12 1.79 10.57
N SER A 74 6.06 0.92 9.57
CA SER A 74 4.96 -0.04 9.49
C SER A 74 5.37 -1.39 10.10
N VAL A 75 4.51 -1.96 10.96
CA VAL A 75 4.77 -3.28 11.58
C VAL A 75 3.91 -4.31 10.88
N GLY A 76 4.49 -5.46 10.56
CA GLY A 76 3.71 -6.50 9.91
C GLY A 76 4.17 -6.78 8.50
N GLY A 77 3.25 -6.71 7.55
CA GLY A 77 3.58 -6.97 6.17
C GLY A 77 3.15 -8.37 5.77
N TRP A 78 3.30 -8.72 4.49
CA TRP A 78 2.88 -10.05 4.05
C TRP A 78 3.84 -11.18 4.41
N ASN A 79 5.06 -10.85 4.82
CA ASN A 79 5.99 -11.91 5.19
C ASN A 79 5.97 -12.06 6.69
N PHE A 80 4.96 -11.45 7.30
CA PHE A 80 4.78 -11.50 8.74
C PHE A 80 3.53 -12.35 8.94
N GLY A 81 3.70 -13.53 9.53
CA GLY A 81 2.57 -14.40 9.74
C GLY A 81 1.48 -13.71 10.53
N PRO A 82 0.25 -13.63 9.99
CA PRO A 82 -0.83 -12.98 10.73
C PRO A 82 -1.10 -13.71 12.04
N GLU A 83 -0.78 -15.00 12.08
CA GLU A 83 -0.99 -15.79 13.30
C GLU A 83 -0.18 -15.15 14.43
N ARG A 84 0.99 -14.62 14.08
CA ARG A 84 1.85 -13.97 15.06
C ARG A 84 1.17 -12.73 15.63
N PHE A 85 0.46 -11.99 14.78
CA PHE A 85 -0.23 -10.80 15.24
C PHE A 85 -1.35 -11.26 16.15
N SER A 86 -2.07 -12.27 15.70
CA SER A 86 -3.19 -12.82 16.45
C SER A 86 -2.76 -13.19 17.87
N LYS A 87 -1.63 -13.88 17.98
CA LYS A 87 -1.11 -14.31 19.27
C LYS A 87 -0.75 -13.15 20.20
N ILE A 88 -0.13 -12.11 19.65
CA ILE A 88 0.25 -10.96 20.45
C ILE A 88 -0.95 -10.16 20.94
N ALA A 89 -1.91 -9.93 20.05
CA ALA A 89 -3.10 -9.16 20.40
C ALA A 89 -4.14 -9.87 21.29
N SER A 90 -4.15 -11.20 21.26
CA SER A 90 -5.11 -11.99 22.04
C SER A 90 -4.92 -11.95 23.55
N LYS A 91 -3.68 -11.78 24.00
CA LYS A 91 -3.37 -11.77 25.42
C LYS A 91 -3.06 -10.36 25.91
N THR A 92 -3.86 -9.88 26.84
CA THR A 92 -3.66 -8.54 27.38
C THR A 92 -2.21 -8.30 27.83
N GLN A 93 -1.55 -9.35 28.29
CA GLN A 93 -0.17 -9.22 28.76
C GLN A 93 0.85 -9.00 27.64
N SER A 94 0.76 -9.80 26.58
CA SER A 94 1.69 -9.63 25.47
C SER A 94 1.34 -8.36 24.69
N ARG A 95 0.06 -8.05 24.64
CA ARG A 95 -0.40 -6.85 23.93
C ARG A 95 0.17 -5.57 24.58
N ARG A 96 0.12 -5.50 25.91
CA ARG A 96 0.63 -4.36 26.66
C ARG A 96 2.13 -4.21 26.54
N THR A 97 2.85 -5.33 26.51
CA THR A 97 4.30 -5.30 26.38
C THR A 97 4.68 -4.69 25.04
N PHE A 98 4.01 -5.14 23.98
CA PHE A 98 4.29 -4.63 22.65
C PHE A 98 3.98 -3.12 22.57
N ILE A 99 2.81 -2.73 23.05
CA ILE A 99 2.42 -1.33 23.02
C ILE A 99 3.43 -0.43 23.72
N LYS A 100 3.89 -0.87 24.90
CA LYS A 100 4.86 -0.11 25.68
C LYS A 100 6.21 0.07 25.00
N SER A 101 6.60 -0.89 24.16
CA SER A 101 7.89 -0.84 23.48
C SER A 101 7.93 0.11 22.29
N VAL A 102 6.77 0.42 21.73
CA VAL A 102 6.72 1.26 20.54
C VAL A 102 7.20 2.72 20.63
N PRO A 103 6.61 3.53 21.52
CA PRO A 103 7.03 4.93 21.63
C PRO A 103 8.55 5.19 21.73
N PRO A 104 9.24 4.49 22.65
CA PRO A 104 10.68 4.71 22.79
C PRO A 104 11.46 4.36 21.51
N PHE A 105 11.03 3.30 20.84
CA PHE A 105 11.68 2.85 19.61
C PHE A 105 11.54 3.90 18.51
N LEU A 106 10.32 4.39 18.32
CA LEU A 106 10.02 5.41 17.32
C LEU A 106 10.80 6.69 17.59
N ARG A 107 10.79 7.10 18.84
CA ARG A 107 11.50 8.30 19.29
C ARG A 107 13.00 8.19 19.04
N THR A 108 13.57 7.03 19.38
CA THR A 108 14.99 6.80 19.20
C THR A 108 15.43 6.86 17.74
N HIS A 109 14.59 6.35 16.85
CA HIS A 109 14.95 6.34 15.44
C HIS A 109 14.37 7.47 14.60
N GLY A 110 13.68 8.39 15.26
CA GLY A 110 13.15 9.56 14.57
C GLY A 110 11.85 9.47 13.78
N PHE A 111 11.02 8.46 14.04
CA PHE A 111 9.76 8.33 13.35
C PHE A 111 8.66 9.15 14.00
N ASP A 112 7.65 9.54 13.21
CA ASP A 112 6.55 10.34 13.72
C ASP A 112 5.31 9.52 14.02
N GLY A 113 5.38 8.22 13.75
CA GLY A 113 4.22 7.39 14.00
C GLY A 113 4.40 5.94 13.64
N LEU A 114 3.36 5.16 13.91
CA LEU A 114 3.37 3.74 13.66
C LEU A 114 2.26 3.35 12.70
N ASP A 115 2.57 2.51 11.72
CA ASP A 115 1.55 2.04 10.78
C ASP A 115 1.36 0.55 11.06
N LEU A 116 0.10 0.13 11.20
CA LEU A 116 -0.23 -1.27 11.48
C LEU A 116 -0.61 -1.99 10.20
N ALA A 117 0.14 -3.03 9.86
CA ALA A 117 -0.12 -3.82 8.66
C ALA A 117 -0.38 -5.29 8.99
N TRP A 118 -1.46 -5.56 9.72
CA TRP A 118 -1.85 -6.92 10.08
C TRP A 118 -2.65 -7.42 8.89
N LEU A 119 -2.10 -8.39 8.17
CA LEU A 119 -2.78 -8.92 6.98
C LEU A 119 -2.91 -10.45 7.03
N TYR A 120 -4.06 -10.99 7.46
CA TYR A 120 -5.23 -10.22 7.88
C TYR A 120 -5.88 -10.77 9.12
N PRO A 121 -6.69 -9.95 9.80
CA PRO A 121 -7.41 -10.33 11.03
C PRO A 121 -8.53 -11.26 10.62
N GLY A 122 -8.71 -12.36 11.35
CA GLY A 122 -9.77 -13.29 11.03
C GLY A 122 -10.98 -12.96 11.88
N ARG A 123 -11.99 -13.80 11.81
CA ARG A 123 -13.21 -13.60 12.58
C ARG A 123 -12.90 -13.57 14.08
N ARG A 124 -11.98 -14.43 14.51
CA ARG A 124 -11.62 -14.50 15.92
C ARG A 124 -10.70 -13.36 16.38
N ASP A 125 -10.20 -12.57 15.43
CA ASP A 125 -9.29 -11.47 15.73
C ASP A 125 -9.94 -10.09 15.87
N LYS A 126 -11.11 -9.91 15.26
CA LYS A 126 -11.79 -8.62 15.28
C LYS A 126 -11.76 -7.93 16.64
N ARG A 127 -12.20 -8.64 17.67
CA ARG A 127 -12.24 -8.15 19.05
C ARG A 127 -10.90 -7.58 19.50
N HIS A 128 -9.85 -8.37 19.30
CA HIS A 128 -8.50 -8.01 19.70
C HIS A 128 -7.86 -6.89 18.88
N LEU A 129 -8.25 -6.75 17.62
CA LEU A 129 -7.71 -5.69 16.78
C LEU A 129 -8.18 -4.37 17.38
N THR A 130 -9.47 -4.30 17.70
CA THR A 130 -10.02 -3.08 18.29
C THR A 130 -9.27 -2.71 19.57
N ALA A 131 -9.05 -3.69 20.44
CA ALA A 131 -8.35 -3.45 21.70
C ALA A 131 -6.93 -2.95 21.43
N LEU A 132 -6.25 -3.59 20.49
CA LEU A 132 -4.89 -3.21 20.12
C LEU A 132 -4.81 -1.74 19.67
N VAL A 133 -5.71 -1.34 18.79
CA VAL A 133 -5.75 0.04 18.28
C VAL A 133 -6.08 1.04 19.38
N LYS A 134 -7.12 0.72 20.14
CA LYS A 134 -7.58 1.56 21.23
C LYS A 134 -6.45 1.80 22.24
N GLU A 135 -5.88 0.71 22.73
CA GLU A 135 -4.80 0.80 23.71
C GLU A 135 -3.53 1.45 23.18
N MET A 136 -3.20 1.21 21.90
CA MET A 136 -2.01 1.81 21.32
C MET A 136 -2.17 3.33 21.31
N LYS A 137 -3.34 3.79 20.89
CA LYS A 137 -3.62 5.22 20.82
C LYS A 137 -3.60 5.85 22.22
N ALA A 138 -4.13 5.14 23.21
CA ALA A 138 -4.15 5.67 24.57
C ALA A 138 -2.72 5.88 25.06
N GLU A 139 -1.82 4.98 24.67
CA GLU A 139 -0.42 5.07 25.04
C GLU A 139 0.22 6.28 24.37
N PHE A 140 -0.12 6.51 23.10
CA PHE A 140 0.45 7.64 22.36
C PHE A 140 -0.02 8.96 22.98
N ALA A 141 -1.28 9.02 23.41
CA ALA A 141 -1.82 10.23 24.01
C ALA A 141 -1.09 10.51 25.32
N ARG A 142 -0.82 9.44 26.06
CA ARG A 142 -0.13 9.54 27.34
C ARG A 142 1.32 9.97 27.16
N GLU A 143 1.98 9.43 26.14
CA GLU A 143 3.37 9.75 25.87
C GLU A 143 3.58 11.22 25.47
N ALA A 144 2.58 11.80 24.84
CA ALA A 144 2.67 13.20 24.41
C ALA A 144 2.67 14.17 25.60
N GLN A 145 2.29 13.69 26.78
CA GLN A 145 2.27 14.52 27.97
C GLN A 145 3.69 15.01 28.28
N ALA A 146 4.67 14.29 27.76
CA ALA A 146 6.07 14.62 27.99
C ALA A 146 6.52 15.86 27.21
N GLY A 147 5.60 16.50 26.49
CA GLY A 147 5.96 17.70 25.76
C GLY A 147 6.37 17.56 24.31
N THR A 148 6.33 16.35 23.78
CA THR A 148 6.70 16.15 22.39
C THR A 148 5.48 15.82 21.56
N GLU A 149 5.50 16.22 20.30
CA GLU A 149 4.39 15.99 19.37
C GLU A 149 3.85 14.57 19.40
N ARG A 150 2.53 14.46 19.58
CA ARG A 150 1.87 13.16 19.63
C ARG A 150 2.12 12.29 18.41
N LEU A 151 2.48 11.05 18.66
CA LEU A 151 2.75 10.09 17.58
C LEU A 151 1.46 9.76 16.83
N LEU A 152 1.60 9.53 15.53
CA LEU A 152 0.47 9.19 14.67
C LEU A 152 0.27 7.68 14.66
N LEU A 153 -0.97 7.25 14.44
CA LEU A 153 -1.28 5.82 14.37
C LEU A 153 -2.13 5.61 13.13
N SER A 154 -1.66 4.75 12.22
CA SER A 154 -2.41 4.46 11.01
C SER A 154 -2.52 2.95 10.84
N ALA A 155 -3.32 2.52 9.87
CA ALA A 155 -3.47 1.11 9.60
C ALA A 155 -3.81 0.89 8.13
N ALA A 156 -3.27 -0.19 7.56
CA ALA A 156 -3.54 -0.54 6.17
C ALA A 156 -4.63 -1.59 6.33
N VAL A 157 -5.75 -1.38 5.64
CA VAL A 157 -6.90 -2.27 5.76
C VAL A 157 -7.35 -2.89 4.43
N SER A 158 -7.79 -4.15 4.48
CA SER A 158 -8.26 -4.84 3.28
C SER A 158 -9.41 -4.07 2.63
N ALA A 159 -9.49 -4.14 1.30
CA ALA A 159 -10.57 -3.49 0.55
C ALA A 159 -11.58 -4.55 0.12
N GLY A 160 -11.35 -5.79 0.54
CA GLY A 160 -12.26 -6.87 0.19
C GLY A 160 -13.43 -6.91 1.15
N LYS A 161 -14.65 -6.83 0.62
CA LYS A 161 -15.86 -6.82 1.46
C LYS A 161 -15.90 -7.95 2.48
N ILE A 162 -15.65 -9.17 2.03
CA ILE A 162 -15.70 -10.31 2.94
C ILE A 162 -14.60 -10.23 4.01
N ALA A 163 -13.43 -9.75 3.62
CA ALA A 163 -12.33 -9.61 4.58
C ALA A 163 -12.72 -8.53 5.59
N ILE A 164 -13.31 -7.43 5.10
CA ILE A 164 -13.73 -6.35 5.98
C ILE A 164 -14.78 -6.79 7.00
N ASP A 165 -15.82 -7.47 6.51
CA ASP A 165 -16.90 -7.93 7.38
C ASP A 165 -16.38 -8.92 8.41
N ARG A 166 -15.41 -9.73 7.98
CA ARG A 166 -14.82 -10.76 8.82
C ARG A 166 -13.90 -10.30 9.96
N GLY A 167 -12.91 -9.48 9.65
CA GLY A 167 -11.98 -9.09 10.71
C GLY A 167 -11.89 -7.69 11.28
N TYR A 168 -12.71 -6.76 10.81
CA TYR A 168 -12.62 -5.38 11.29
C TYR A 168 -13.90 -4.75 11.85
N ASP A 169 -13.75 -3.98 12.92
CA ASP A 169 -14.88 -3.23 13.49
C ASP A 169 -14.53 -1.80 13.05
N ILE A 170 -14.83 -1.51 11.78
CA ILE A 170 -14.50 -0.21 11.20
C ILE A 170 -14.95 1.02 12.00
N ALA A 171 -16.21 1.05 12.41
CA ALA A 171 -16.72 2.17 13.17
C ALA A 171 -15.90 2.44 14.43
N GLN A 172 -15.44 1.37 15.09
CA GLN A 172 -14.65 1.50 16.30
C GLN A 172 -13.20 1.93 16.08
N ILE A 173 -12.48 1.29 15.17
CA ILE A 173 -11.08 1.66 14.98
C ILE A 173 -10.89 3.00 14.28
N SER A 174 -11.89 3.43 13.53
CA SER A 174 -11.83 4.71 12.82
C SER A 174 -11.65 5.89 13.76
N ARG A 175 -12.27 5.81 14.94
CA ARG A 175 -12.17 6.92 15.89
C ARG A 175 -10.79 7.05 16.54
N HIS A 176 -10.00 5.98 16.53
CA HIS A 176 -8.68 6.00 17.15
C HIS A 176 -7.50 6.12 16.18
N LEU A 177 -7.75 5.86 14.90
CA LEU A 177 -6.69 5.95 13.89
C LEU A 177 -6.65 7.34 13.28
N ASP A 178 -5.45 7.81 12.96
CA ASP A 178 -5.29 9.13 12.35
C ASP A 178 -5.67 9.06 10.87
N PHE A 179 -5.45 7.90 10.27
CA PHE A 179 -5.87 7.65 8.90
C PHE A 179 -5.84 6.16 8.63
N ILE A 180 -6.66 5.77 7.66
CA ILE A 180 -6.79 4.37 7.26
C ILE A 180 -6.48 4.26 5.77
N SER A 181 -5.52 3.42 5.40
CA SER A 181 -5.19 3.23 4.01
C SER A 181 -5.94 2.02 3.48
N LEU A 182 -6.70 2.22 2.40
CA LEU A 182 -7.47 1.14 1.79
C LEU A 182 -6.61 0.44 0.74
N LEU A 183 -6.45 -0.87 0.88
CA LEU A 183 -5.64 -1.63 -0.06
C LEU A 183 -6.44 -1.96 -1.32
N THR A 184 -6.82 -0.91 -2.04
CA THR A 184 -7.61 -1.07 -3.26
C THR A 184 -6.83 -1.50 -4.51
N TYR A 185 -6.03 -2.55 -4.37
CA TYR A 185 -5.28 -3.05 -5.53
C TYR A 185 -5.00 -4.54 -5.53
N ASP A 186 -5.74 -5.27 -4.72
CA ASP A 186 -5.58 -6.73 -4.68
C ASP A 186 -6.94 -7.33 -4.93
N PHE A 187 -7.59 -6.90 -6.01
CA PHE A 187 -8.91 -7.39 -6.31
C PHE A 187 -9.05 -8.67 -7.10
N HIS A 188 -8.09 -9.00 -7.94
CA HIS A 188 -8.23 -10.25 -8.66
C HIS A 188 -7.67 -11.32 -7.74
N GLY A 189 -8.49 -12.32 -7.45
CA GLY A 189 -8.06 -13.38 -6.55
C GLY A 189 -6.99 -14.30 -7.09
N ALA A 190 -5.88 -14.40 -6.36
CA ALA A 190 -4.78 -15.25 -6.76
C ALA A 190 -5.28 -16.69 -6.89
N TRP A 191 -6.53 -16.93 -6.49
CA TRP A 191 -7.07 -18.28 -6.57
C TRP A 191 -7.43 -18.82 -7.95
N ARG A 192 -8.04 -18.02 -8.81
CA ARG A 192 -8.42 -18.55 -10.12
C ARG A 192 -7.54 -18.35 -11.35
N GLN A 193 -7.83 -19.17 -12.36
CA GLN A 193 -7.11 -19.20 -13.62
C GLN A 193 -7.74 -18.38 -14.74
N THR A 194 -8.07 -17.13 -14.46
CA THR A 194 -8.64 -16.25 -15.47
C THR A 194 -7.90 -14.94 -15.47
N VAL A 195 -7.93 -14.26 -16.60
CA VAL A 195 -7.29 -12.96 -16.73
C VAL A 195 -8.22 -11.94 -16.08
N GLY A 196 -7.65 -10.95 -15.39
CA GLY A 196 -8.45 -9.93 -14.74
C GLY A 196 -7.59 -8.83 -14.15
N HIS A 197 -8.19 -7.66 -13.94
CA HIS A 197 -7.43 -6.54 -13.39
C HIS A 197 -7.53 -6.49 -11.88
N HIS A 198 -6.39 -6.31 -11.23
CA HIS A 198 -6.30 -6.26 -9.78
C HIS A 198 -6.69 -4.94 -9.13
N SER A 199 -6.76 -3.86 -9.90
CA SER A 199 -7.11 -2.56 -9.32
C SER A 199 -8.09 -1.75 -10.15
N PRO A 200 -9.24 -2.34 -10.51
CA PRO A 200 -10.18 -1.56 -11.31
C PRO A 200 -10.84 -0.47 -10.45
N LEU A 201 -11.18 0.65 -11.05
CA LEU A 201 -11.81 1.73 -10.30
C LEU A 201 -13.29 1.45 -10.18
N PHE A 202 -13.91 1.09 -11.30
CA PHE A 202 -15.33 0.79 -11.32
C PHE A 202 -15.69 -0.65 -11.61
N ARG A 203 -16.93 -0.97 -11.32
CA ARG A 203 -17.54 -2.29 -11.50
C ARG A 203 -17.41 -2.82 -12.93
N GLY A 204 -17.87 -2.03 -13.89
CA GLY A 204 -17.81 -2.48 -15.27
C GLY A 204 -19.07 -3.20 -15.68
N ASN A 205 -19.88 -2.54 -16.51
CA ASN A 205 -21.15 -3.08 -17.00
C ASN A 205 -21.06 -4.51 -17.54
N SER A 206 -19.86 -5.00 -17.80
CA SER A 206 -19.70 -6.33 -18.36
C SER A 206 -19.47 -7.50 -17.41
N ASP A 207 -20.22 -7.55 -16.31
CA ASP A 207 -20.09 -8.67 -15.36
C ASP A 207 -20.90 -8.48 -14.08
N ALA A 208 -21.81 -9.42 -13.84
CA ALA A 208 -22.69 -9.40 -12.68
C ALA A 208 -22.05 -9.68 -11.32
N SER A 209 -21.41 -10.83 -11.17
CA SER A 209 -20.79 -11.18 -9.90
C SER A 209 -19.56 -10.34 -9.57
N SER A 210 -19.16 -10.39 -8.31
CA SER A 210 -18.01 -9.64 -7.82
C SER A 210 -18.11 -8.15 -8.12
N ARG A 211 -19.26 -7.56 -7.82
CA ARG A 211 -19.45 -6.12 -8.02
C ARG A 211 -18.69 -5.49 -6.86
N PHE A 212 -18.25 -6.34 -5.95
CA PHE A 212 -17.53 -5.90 -4.77
C PHE A 212 -16.04 -5.66 -5.01
N SER A 213 -15.51 -6.25 -6.07
CA SER A 213 -14.08 -6.14 -6.36
C SER A 213 -13.59 -4.98 -7.22
N ASN A 214 -13.83 -3.77 -6.74
CA ASN A 214 -13.40 -2.55 -7.42
C ASN A 214 -13.26 -1.47 -6.36
N ALA A 215 -12.45 -0.45 -6.64
CA ALA A 215 -12.21 0.63 -5.69
C ALA A 215 -13.48 1.37 -5.25
N ASP A 216 -14.34 1.70 -6.22
CA ASP A 216 -15.56 2.42 -5.90
C ASP A 216 -16.43 1.71 -4.87
N TYR A 217 -16.59 0.39 -5.02
CA TYR A 217 -17.40 -0.33 -4.06
C TYR A 217 -16.78 -0.29 -2.66
N ALA A 218 -15.50 -0.62 -2.57
CA ALA A 218 -14.79 -0.63 -1.30
C ALA A 218 -14.87 0.71 -0.57
N VAL A 219 -14.72 1.80 -1.32
CA VAL A 219 -14.80 3.13 -0.72
C VAL A 219 -16.21 3.39 -0.17
N SER A 220 -17.23 3.16 -1.01
CA SER A 220 -18.62 3.38 -0.59
C SER A 220 -18.95 2.54 0.64
N TYR A 221 -18.52 1.30 0.64
CA TYR A 221 -18.79 0.40 1.76
C TYR A 221 -18.15 0.91 3.05
N MET A 222 -16.90 1.35 2.98
CA MET A 222 -16.21 1.86 4.15
C MET A 222 -16.95 3.07 4.71
N LEU A 223 -17.39 3.97 3.82
CA LEU A 223 -18.11 5.15 4.28
C LEU A 223 -19.42 4.75 4.95
N ARG A 224 -20.08 3.70 4.45
CA ARG A 224 -21.34 3.27 5.04
C ARG A 224 -21.11 2.61 6.40
N LEU A 225 -20.00 1.90 6.54
CA LEU A 225 -19.70 1.23 7.80
C LEU A 225 -19.33 2.21 8.91
N GLY A 226 -19.13 3.47 8.56
CA GLY A 226 -18.82 4.45 9.59
C GLY A 226 -17.45 5.12 9.56
N ALA A 227 -16.63 4.82 8.57
CA ALA A 227 -15.32 5.45 8.48
C ALA A 227 -15.49 6.86 7.93
N PRO A 228 -14.95 7.86 8.61
CA PRO A 228 -15.06 9.25 8.14
C PRO A 228 -14.25 9.44 6.88
N ALA A 229 -14.79 10.17 5.91
CA ALA A 229 -14.10 10.41 4.66
C ALA A 229 -12.75 11.09 4.91
N ASN A 230 -12.69 11.99 5.89
CA ASN A 230 -11.44 12.68 6.17
C ASN A 230 -10.35 11.82 6.81
N LYS A 231 -10.62 10.53 6.98
CA LYS A 231 -9.60 9.62 7.53
C LYS A 231 -9.29 8.50 6.55
N LEU A 232 -10.07 8.40 5.47
CA LEU A 232 -9.86 7.38 4.45
C LEU A 232 -8.87 7.79 3.38
N VAL A 233 -7.93 6.90 3.07
CA VAL A 233 -6.92 7.16 2.05
C VAL A 233 -7.00 5.99 1.06
N MET A 234 -7.08 6.31 -0.22
CA MET A 234 -7.22 5.25 -1.23
C MET A 234 -5.89 4.77 -1.80
N GLY A 235 -5.66 3.46 -1.71
CA GLY A 235 -4.43 2.89 -2.21
C GLY A 235 -4.34 2.87 -3.72
N ILE A 236 -3.18 3.26 -4.24
CA ILE A 236 -2.94 3.29 -5.68
C ILE A 236 -1.65 2.50 -5.88
N PRO A 237 -1.69 1.49 -6.76
CA PRO A 237 -0.50 0.67 -7.01
C PRO A 237 0.46 1.25 -8.03
N THR A 238 1.73 0.96 -7.82
CA THR A 238 2.77 1.43 -8.70
C THR A 238 3.39 0.21 -9.39
N PHE A 239 2.76 -0.94 -9.19
CA PHE A 239 3.21 -2.19 -9.79
C PHE A 239 2.07 -2.77 -10.62
N GLY A 240 2.39 -3.83 -11.37
CA GLY A 240 1.39 -4.49 -12.19
C GLY A 240 1.37 -5.96 -11.85
N ARG A 241 0.28 -6.65 -12.16
CA ARG A 241 0.19 -8.09 -11.91
C ARG A 241 0.25 -8.78 -13.28
N SER A 242 1.10 -9.81 -13.39
CA SER A 242 1.27 -10.53 -14.66
C SER A 242 0.78 -11.97 -14.64
N PHE A 243 0.42 -12.45 -15.83
CA PHE A 243 -0.09 -13.81 -16.02
C PHE A 243 0.49 -14.45 -17.28
N THR A 244 0.60 -15.77 -17.26
CA THR A 244 1.06 -16.51 -18.42
C THR A 244 -0.22 -17.10 -19.01
N LEU A 245 -0.55 -16.68 -20.23
CA LEU A 245 -1.75 -17.15 -20.90
C LEU A 245 -1.70 -18.64 -21.22
N ALA A 246 -2.85 -19.29 -21.19
CA ALA A 246 -2.93 -20.72 -21.48
C ALA A 246 -3.39 -20.92 -22.91
N SER A 247 -3.88 -19.85 -23.53
CA SER A 247 -4.35 -19.93 -24.91
C SER A 247 -4.05 -18.62 -25.65
N SER A 248 -4.37 -18.59 -26.93
CA SER A 248 -4.15 -17.42 -27.75
C SER A 248 -5.18 -16.33 -27.47
N LYS A 249 -6.13 -16.62 -26.59
CA LYS A 249 -7.16 -15.64 -26.25
C LYS A 249 -6.53 -14.61 -25.32
N THR A 250 -6.77 -13.33 -25.61
CA THR A 250 -6.19 -12.25 -24.82
C THR A 250 -7.21 -11.35 -24.13
N ASP A 251 -8.48 -11.44 -24.54
CA ASP A 251 -9.53 -10.61 -23.95
C ASP A 251 -10.02 -11.10 -22.59
N VAL A 252 -10.93 -10.34 -22.01
CA VAL A 252 -11.51 -10.65 -20.70
C VAL A 252 -12.01 -12.09 -20.64
N GLY A 253 -11.65 -12.80 -19.57
CA GLY A 253 -12.08 -14.17 -19.40
C GLY A 253 -11.03 -15.18 -19.82
N ALA A 254 -10.12 -14.74 -20.70
CA ALA A 254 -9.05 -15.61 -21.20
C ALA A 254 -8.46 -16.48 -20.11
N PRO A 255 -8.28 -17.78 -20.40
CA PRO A 255 -7.72 -18.75 -19.45
C PRO A 255 -6.27 -18.44 -19.07
N ILE A 256 -5.91 -18.81 -17.85
CA ILE A 256 -4.57 -18.60 -17.33
C ILE A 256 -3.93 -19.92 -16.96
N SER A 257 -2.62 -20.02 -17.11
CA SER A 257 -1.92 -21.25 -16.76
C SER A 257 -1.16 -21.01 -15.46
N GLY A 258 -0.86 -19.75 -15.19
CA GLY A 258 -0.14 -19.39 -13.99
C GLY A 258 0.29 -17.93 -14.04
N PRO A 259 1.10 -17.47 -13.07
CA PRO A 259 1.55 -16.08 -13.07
C PRO A 259 2.58 -15.83 -14.18
N GLY A 260 2.82 -14.55 -14.48
CA GLY A 260 3.78 -14.23 -15.52
C GLY A 260 5.20 -14.50 -15.07
N ILE A 261 6.14 -14.50 -16.01
CA ILE A 261 7.53 -14.74 -15.65
C ILE A 261 8.10 -13.51 -14.95
N PRO A 262 9.06 -13.72 -14.04
CA PRO A 262 9.71 -12.64 -13.27
C PRO A 262 10.28 -11.51 -14.11
N GLY A 263 10.34 -10.33 -13.48
CA GLY A 263 10.92 -9.17 -14.15
C GLY A 263 12.40 -9.28 -13.88
N ARG A 264 13.21 -8.64 -14.72
CA ARG A 264 14.66 -8.68 -14.59
C ARG A 264 15.18 -8.16 -13.25
N PHE A 265 14.58 -7.09 -12.76
CA PHE A 265 15.02 -6.47 -11.51
C PHE A 265 14.25 -6.88 -10.27
N THR A 266 12.95 -7.07 -10.40
CA THR A 266 12.13 -7.41 -9.26
C THR A 266 12.11 -8.92 -8.94
N LYS A 267 12.39 -9.74 -9.94
CA LYS A 267 12.49 -11.20 -9.79
C LYS A 267 11.42 -11.88 -8.93
N GLU A 268 10.16 -11.55 -9.18
CA GLU A 268 9.07 -12.14 -8.42
C GLU A 268 7.96 -12.47 -9.41
N LYS A 269 7.69 -13.76 -9.61
CA LYS A 269 6.65 -14.19 -10.53
C LYS A 269 5.34 -13.53 -10.10
N GLY A 270 4.57 -13.06 -11.07
CA GLY A 270 3.30 -12.46 -10.74
C GLY A 270 3.24 -10.95 -10.70
N ILE A 271 4.36 -10.28 -10.46
CA ILE A 271 4.34 -8.83 -10.42
C ILE A 271 5.52 -8.22 -11.16
N LEU A 272 5.34 -6.97 -11.58
CA LEU A 272 6.36 -6.21 -12.29
C LEU A 272 6.31 -4.78 -11.77
N ALA A 273 7.47 -4.15 -11.63
CA ALA A 273 7.52 -2.77 -11.17
C ALA A 273 7.06 -1.93 -12.36
N TYR A 274 6.61 -0.71 -12.12
CA TYR A 274 6.18 0.13 -13.23
C TYR A 274 7.34 0.37 -14.20
N TYR A 275 8.55 0.53 -13.67
CA TYR A 275 9.68 0.77 -14.57
C TYR A 275 9.98 -0.45 -15.44
N GLU A 276 9.62 -1.64 -14.97
CA GLU A 276 9.82 -2.86 -15.78
C GLU A 276 8.71 -2.93 -16.82
N ILE A 277 7.53 -2.42 -16.47
CA ILE A 277 6.40 -2.43 -17.39
C ILE A 277 6.68 -1.47 -18.55
N CYS A 278 7.34 -0.35 -18.27
CA CYS A 278 7.67 0.63 -19.32
C CYS A 278 8.56 -0.02 -20.38
N ASP A 279 9.39 -0.98 -19.97
CA ASP A 279 10.28 -1.68 -20.89
C ASP A 279 9.48 -2.73 -21.65
N PHE A 280 8.60 -3.42 -20.93
CA PHE A 280 7.73 -4.47 -21.47
C PHE A 280 6.83 -3.97 -22.58
N LEU A 281 6.32 -2.74 -22.42
CA LEU A 281 5.42 -2.14 -23.40
C LEU A 281 5.97 -2.11 -24.82
N HIS A 282 7.28 -1.92 -24.96
CA HIS A 282 7.90 -1.88 -26.28
C HIS A 282 7.68 -3.24 -26.95
N GLY A 283 6.86 -3.25 -28.00
CA GLY A 283 6.58 -4.47 -28.71
C GLY A 283 5.31 -5.13 -28.20
N ALA A 284 4.69 -4.50 -27.20
CA ALA A 284 3.47 -5.05 -26.62
C ALA A 284 2.21 -4.45 -27.23
N THR A 285 1.08 -5.09 -26.95
CA THR A 285 -0.21 -4.67 -27.42
C THR A 285 -0.96 -4.08 -26.21
N THR A 286 -1.28 -2.79 -26.28
CA THR A 286 -1.98 -2.13 -25.17
C THR A 286 -3.50 -2.06 -25.33
N HIS A 287 -4.20 -2.23 -24.21
CA HIS A 287 -5.66 -2.19 -24.18
C HIS A 287 -6.11 -1.44 -22.92
N ARG A 288 -7.39 -1.14 -22.83
CA ARG A 288 -7.93 -0.44 -21.67
C ARG A 288 -9.39 -0.77 -21.44
N PHE A 289 -9.71 -1.25 -20.25
CA PHE A 289 -11.10 -1.58 -19.91
C PHE A 289 -11.78 -0.23 -19.78
N ARG A 290 -12.74 0.05 -20.66
CA ARG A 290 -13.43 1.34 -20.60
C ARG A 290 -14.29 1.42 -19.35
N ASP A 291 -14.94 0.32 -18.99
CA ASP A 291 -15.78 0.31 -17.81
C ASP A 291 -14.98 0.50 -16.52
N GLN A 292 -13.95 -0.32 -16.33
CA GLN A 292 -13.11 -0.27 -15.13
C GLN A 292 -12.09 0.88 -15.09
N GLN A 293 -11.79 1.43 -16.27
CA GLN A 293 -10.86 2.56 -16.41
C GLN A 293 -9.41 2.27 -16.03
N VAL A 294 -8.93 1.10 -16.41
CA VAL A 294 -7.55 0.70 -16.15
C VAL A 294 -7.04 -0.06 -17.37
N PRO A 295 -5.73 0.04 -17.65
CA PRO A 295 -5.16 -0.65 -18.81
C PRO A 295 -4.54 -2.00 -18.53
N TYR A 296 -4.21 -2.70 -19.62
CA TYR A 296 -3.52 -3.98 -19.55
C TYR A 296 -2.77 -4.13 -20.87
N ALA A 297 -1.76 -4.99 -20.87
CA ALA A 297 -0.98 -5.18 -22.07
C ALA A 297 -0.62 -6.64 -22.27
N THR A 298 -0.31 -6.99 -23.51
CA THR A 298 0.04 -8.36 -23.84
C THR A 298 1.18 -8.41 -24.86
N LYS A 299 2.05 -9.40 -24.70
CA LYS A 299 3.19 -9.61 -25.56
C LYS A 299 3.43 -11.11 -25.48
N GLY A 300 3.43 -11.80 -26.62
CA GLY A 300 3.63 -13.23 -26.60
C GLY A 300 2.53 -13.87 -25.78
N ASN A 301 2.91 -14.66 -24.77
CA ASN A 301 1.92 -15.31 -23.92
C ASN A 301 1.89 -14.67 -22.53
N GLN A 302 2.37 -13.44 -22.44
CA GLN A 302 2.39 -12.71 -21.17
C GLN A 302 1.31 -11.63 -21.16
N TRP A 303 0.50 -11.64 -20.10
CA TRP A 303 -0.59 -10.68 -19.97
C TRP A 303 -0.34 -9.85 -18.70
N VAL A 304 -0.37 -8.53 -18.83
CA VAL A 304 -0.09 -7.66 -17.68
C VAL A 304 -1.17 -6.62 -17.40
N ALA A 305 -1.63 -6.58 -16.14
CA ALA A 305 -2.63 -5.60 -15.70
C ALA A 305 -1.84 -4.57 -14.91
N TYR A 306 -1.94 -3.31 -15.30
CA TYR A 306 -1.20 -2.26 -14.62
C TYR A 306 -1.94 -0.92 -14.56
N ASP A 307 -1.27 0.08 -14.02
CA ASP A 307 -1.81 1.43 -13.91
C ASP A 307 -0.81 2.38 -14.57
N ASP A 308 -1.31 3.33 -15.35
CA ASP A 308 -0.41 4.29 -15.97
C ASP A 308 -0.77 5.69 -15.48
N GLN A 309 -0.08 6.71 -15.98
CA GLN A 309 -0.35 8.08 -15.53
C GLN A 309 -1.82 8.43 -15.63
N GLU A 310 -2.43 8.01 -16.73
CA GLU A 310 -3.84 8.28 -16.98
C GLU A 310 -4.79 7.66 -15.95
N SER A 311 -4.66 6.37 -15.71
CA SER A 311 -5.55 5.71 -14.76
C SER A 311 -5.32 6.20 -13.34
N VAL A 312 -4.07 6.49 -13.02
CA VAL A 312 -3.71 6.98 -11.71
C VAL A 312 -4.31 8.38 -11.49
N LYS A 313 -4.28 9.23 -12.51
CA LYS A 313 -4.85 10.57 -12.38
C LYS A 313 -6.36 10.43 -12.23
N ASN A 314 -6.89 9.40 -12.86
CA ASN A 314 -8.32 9.14 -12.84
C ASN A 314 -8.78 8.75 -11.43
N LYS A 315 -7.99 7.91 -10.77
CA LYS A 315 -8.31 7.48 -9.41
C LYS A 315 -8.19 8.66 -8.45
N ALA A 316 -7.19 9.51 -8.68
CA ALA A 316 -6.97 10.68 -7.83
C ALA A 316 -8.14 11.66 -7.89
N ARG A 317 -8.77 11.81 -9.06
CA ARG A 317 -9.91 12.71 -9.19
C ARG A 317 -11.12 12.11 -8.50
N TYR A 318 -11.27 10.79 -8.62
CA TYR A 318 -12.38 10.09 -7.97
C TYR A 318 -12.31 10.34 -6.47
N LEU A 319 -11.12 10.12 -5.92
CA LEU A 319 -10.86 10.29 -4.50
C LEU A 319 -11.22 11.70 -4.04
N LYS A 320 -10.83 12.71 -4.81
CA LYS A 320 -11.15 14.09 -4.47
C LYS A 320 -12.66 14.34 -4.54
N ASN A 321 -13.30 13.76 -5.55
CA ASN A 321 -14.74 13.94 -5.70
C ASN A 321 -15.53 13.32 -4.56
N ARG A 322 -14.91 12.37 -3.87
CA ARG A 322 -15.54 11.70 -2.73
C ARG A 322 -15.07 12.37 -1.45
N GLN A 323 -14.23 13.39 -1.61
CA GLN A 323 -13.69 14.13 -0.47
C GLN A 323 -12.95 13.25 0.54
N LEU A 324 -12.12 12.34 0.04
CA LEU A 324 -11.35 11.48 0.94
C LEU A 324 -10.14 12.29 1.41
N ALA A 325 -9.46 11.78 2.44
CA ALA A 325 -8.28 12.44 2.99
C ALA A 325 -7.12 12.51 2.00
N GLY A 326 -7.02 11.52 1.12
CA GLY A 326 -5.93 11.54 0.16
C GLY A 326 -5.65 10.19 -0.46
N ALA A 327 -4.44 10.03 -0.97
CA ALA A 327 -4.02 8.80 -1.61
C ALA A 327 -2.82 8.17 -0.93
N MET A 328 -2.72 6.84 -1.07
CA MET A 328 -1.61 6.07 -0.54
C MET A 328 -1.01 5.37 -1.75
N VAL A 329 0.32 5.35 -1.81
CA VAL A 329 1.02 4.74 -2.93
C VAL A 329 1.92 3.58 -2.51
N TRP A 330 1.73 2.43 -3.16
CA TRP A 330 2.57 1.27 -2.91
C TRP A 330 3.17 0.93 -4.26
N ALA A 331 4.46 1.16 -4.45
CA ALA A 331 5.37 1.73 -3.46
C ALA A 331 6.38 2.56 -4.24
N LEU A 332 7.03 3.50 -3.56
CA LEU A 332 8.01 4.37 -4.21
C LEU A 332 9.10 3.65 -5.01
N ASP A 333 9.60 2.53 -4.49
CA ASP A 333 10.65 1.78 -5.15
C ASP A 333 10.20 0.98 -6.37
N LEU A 334 8.90 0.99 -6.66
CA LEU A 334 8.39 0.26 -7.80
C LEU A 334 8.01 1.24 -8.93
N ASP A 335 8.00 2.53 -8.60
CA ASP A 335 7.71 3.58 -9.58
C ASP A 335 9.05 3.80 -10.27
N ASP A 336 9.08 4.56 -11.37
CA ASP A 336 10.35 4.82 -12.07
C ASP A 336 11.07 5.88 -11.24
N PHE A 337 11.66 5.45 -10.12
CA PHE A 337 12.34 6.39 -9.23
C PHE A 337 13.58 7.07 -9.81
N ARG A 338 14.28 6.41 -10.71
CA ARG A 338 15.46 7.03 -11.33
C ARG A 338 15.00 7.92 -12.48
N GLY A 339 13.86 7.58 -13.07
CA GLY A 339 13.31 8.35 -14.16
C GLY A 339 13.99 8.08 -15.50
N THR A 340 14.61 6.92 -15.64
CA THR A 340 15.31 6.57 -16.86
C THR A 340 14.71 5.42 -17.67
N PHE A 341 13.61 4.85 -17.21
CA PHE A 341 12.98 3.74 -17.93
C PHE A 341 11.73 4.11 -18.71
N CYS A 342 10.96 5.04 -18.17
CA CYS A 342 9.69 5.44 -18.77
C CYS A 342 9.61 6.67 -19.67
N GLY A 343 10.62 6.89 -20.50
CA GLY A 343 10.59 8.04 -21.37
C GLY A 343 10.72 9.36 -20.65
N GLN A 344 9.59 10.05 -20.44
CA GLN A 344 9.61 11.35 -19.77
C GLN A 344 10.75 11.49 -18.78
N ASN A 345 11.61 12.48 -19.01
CA ASN A 345 12.74 12.75 -18.13
C ASN A 345 12.09 13.26 -16.86
N LEU A 346 11.40 12.35 -16.18
CA LEU A 346 10.68 12.67 -14.97
C LEU A 346 10.84 11.56 -13.94
N THR A 347 11.21 11.92 -12.73
CA THR A 347 11.38 10.94 -11.67
C THR A 347 10.00 10.70 -11.02
N PHE A 348 9.73 9.45 -10.64
CA PHE A 348 8.44 9.09 -10.03
C PHE A 348 7.26 9.57 -10.87
N PRO A 349 7.16 9.11 -12.11
CA PRO A 349 6.05 9.54 -12.97
C PRO A 349 4.65 9.23 -12.45
N LEU A 350 4.45 8.05 -11.88
CA LEU A 350 3.15 7.68 -11.37
C LEU A 350 2.78 8.47 -10.12
N THR A 351 3.68 8.49 -9.13
CA THR A 351 3.41 9.23 -7.90
C THR A 351 3.25 10.74 -8.15
N SER A 352 4.04 11.27 -9.09
CA SER A 352 3.98 12.69 -9.43
C SER A 352 2.62 13.03 -10.08
N ALA A 353 2.13 12.13 -10.92
CA ALA A 353 0.83 12.33 -11.57
C ALA A 353 -0.24 12.44 -10.50
N VAL A 354 -0.16 11.62 -9.46
CA VAL A 354 -1.13 11.66 -8.37
C VAL A 354 -1.02 12.99 -7.64
N LYS A 355 0.20 13.39 -7.32
CA LYS A 355 0.44 14.64 -6.59
C LYS A 355 -0.11 15.85 -7.37
N ASP A 356 0.09 15.86 -8.68
CA ASP A 356 -0.40 16.95 -9.52
C ASP A 356 -1.91 17.14 -9.40
N VAL A 357 -2.66 16.03 -9.48
CA VAL A 357 -4.10 16.10 -9.38
C VAL A 357 -4.53 16.58 -8.00
N LEU A 358 -3.88 16.05 -6.97
CA LEU A 358 -4.21 16.44 -5.59
C LEU A 358 -3.91 17.91 -5.31
N ALA A 359 -2.92 18.46 -6.02
CA ALA A 359 -2.55 19.86 -5.83
C ALA A 359 -3.52 20.84 -6.52
N ARG A 360 -4.40 20.32 -7.38
CA ARG A 360 -5.35 21.17 -8.10
C ARG A 360 -6.52 21.69 -7.27
N VAL A 361 -6.83 21.03 -6.16
CA VAL A 361 -7.95 21.38 -5.27
C VAL A 361 -9.11 20.43 -5.52
#